data_1EGS
#
_entry.id   1EGS
#
_cell.length_a   1.000
_cell.length_b   1.000
_cell.length_c   1.000
_cell.angle_alpha   90.00
_cell.angle_beta   90.00
_cell.angle_gamma   90.00
#
_symmetry.space_group_name_H-M   'P 1'
#
_entity_poly.entity_id   1
_entity_poly.type   'polypeptide(L)'
_entity_poly.pdbx_seq_one_letter_code
;(ACE)TKSAGGIVL(NH2)
;
_entity_poly.pdbx_strand_id   A
#
loop_
_chem_comp.id
_chem_comp.type
_chem_comp.name
_chem_comp.formula
ACE non-polymer 'ACETYL GROUP' 'C2 H4 O'
NH2 non-polymer 'AMINO GROUP' 'H2 N'
#
# COMPACT_ATOMS: atom_id res chain seq x y z
C ACE A 1 7.10 -0.97 0.60
O ACE A 1 7.06 -0.05 -0.23
CH3 ACE A 1 7.99 -0.87 1.83
H1 ACE A 1 7.39 -0.94 2.75
H2 ACE A 1 8.52 0.10 1.84
H3 ACE A 1 8.75 -1.67 1.84
N THR A 2 6.41 -2.12 0.52
CA THR A 2 5.47 -2.44 -0.59
C THR A 2 4.04 -2.06 -0.12
N LYS A 3 3.35 -1.28 -0.98
CA LYS A 3 2.06 -0.65 -0.70
C LYS A 3 0.93 -1.33 -1.53
N SER A 4 -0.35 -1.03 -1.16
CA SER A 4 -1.54 -1.43 -1.95
C SER A 4 -1.80 -0.43 -3.14
N ALA A 5 -2.70 -0.79 -4.11
CA ALA A 5 -3.23 0.15 -5.12
C ALA A 5 -4.14 1.23 -4.46
N GLY A 6 -3.49 2.33 -4.08
CA GLY A 6 -3.90 3.19 -2.94
C GLY A 6 -2.69 3.49 -2.04
N GLY A 7 -2.33 2.53 -1.17
CA GLY A 7 -1.01 2.46 -0.52
C GLY A 7 -1.05 2.25 1.00
N ILE A 8 -1.36 1.02 1.47
CA ILE A 8 -1.79 0.79 2.90
C ILE A 8 -0.60 0.24 3.75
N VAL A 9 0.45 1.07 3.77
CA VAL A 9 1.90 0.74 4.00
C VAL A 9 2.20 -0.51 4.89
N LEU A 10 2.09 -1.61 4.15
CA LEU A 10 1.88 -2.97 4.67
C LEU A 10 3.00 -3.59 5.58
N NH2 A 11 4.29 -3.49 5.27
HN1 NH2 A 11 4.96 -3.93 5.93
HN2 NH2 A 11 4.53 -2.97 4.42
C ACE A 1 7.66 -2.22 0.71
O ACE A 1 8.26 -1.46 -0.06
CH3 ACE A 1 8.32 -2.70 2.00
H1 ACE A 1 8.41 -3.80 2.01
H2 ACE A 1 7.72 -2.40 2.89
H3 ACE A 1 9.33 -2.26 2.11
N THR A 2 6.41 -2.71 0.52
CA THR A 2 5.57 -2.38 -0.67
C THR A 2 4.13 -2.04 -0.15
N LYS A 3 3.44 -1.26 -0.99
CA LYS A 3 2.16 -0.60 -0.72
C LYS A 3 0.99 -1.36 -1.45
N SER A 4 -0.25 -1.01 -1.07
CA SER A 4 -1.48 -1.45 -1.79
C SER A 4 -1.83 -0.48 -2.97
N ALA A 5 -2.78 -0.86 -3.86
CA ALA A 5 -3.32 0.02 -4.93
C ALA A 5 -4.16 1.18 -4.30
N GLY A 6 -3.45 2.30 -4.07
CA GLY A 6 -3.77 3.28 -3.00
C GLY A 6 -2.53 3.55 -2.14
N GLY A 7 -2.23 2.62 -1.19
CA GLY A 7 -0.91 2.51 -0.54
C GLY A 7 -0.97 2.28 0.97
N ILE A 8 -1.35 1.05 1.40
CA ILE A 8 -1.93 0.83 2.77
C ILE A 8 -0.82 0.23 3.68
N VAL A 9 0.17 1.10 3.94
CA VAL A 9 1.58 0.80 4.30
C VAL A 9 1.85 -0.51 5.10
N LEU A 10 1.90 -1.52 4.26
CA LEU A 10 1.69 -2.93 4.60
C LEU A 10 2.72 -3.59 5.53
N NH2 A 11 2.29 -4.05 6.69
HN1 NH2 A 11 2.99 -4.48 7.30
HN2 NH2 A 11 1.29 -3.94 6.88
C ACE A 1 6.47 -3.22 1.86
O ACE A 1 6.44 -2.03 2.18
CH3 ACE A 1 6.80 -4.28 2.90
H1 ACE A 1 6.97 -3.81 3.90
H2 ACE A 1 5.97 -5.00 3.00
H3 ACE A 1 7.71 -4.83 2.63
N THR A 2 6.25 -3.71 0.63
CA THR A 2 5.91 -2.87 -0.56
C THR A 2 4.36 -2.84 -0.69
N LYS A 3 3.81 -1.62 -0.84
CA LYS A 3 2.40 -1.30 -0.68
C LYS A 3 1.44 -1.89 -1.78
N SER A 4 0.12 -1.85 -1.47
CA SER A 4 -0.96 -2.08 -2.47
C SER A 4 -1.59 -0.71 -2.88
N ALA A 5 -2.22 -0.63 -4.08
CA ALA A 5 -2.69 0.63 -4.71
C ALA A 5 -3.67 1.46 -3.82
N GLY A 6 -3.39 2.78 -3.73
CA GLY A 6 -4.06 3.70 -2.78
C GLY A 6 -3.52 3.77 -1.33
N GLY A 7 -2.18 3.76 -1.13
CA GLY A 7 -1.51 3.99 0.16
C GLY A 7 -1.65 2.93 1.27
N ILE A 8 -1.34 1.67 0.93
CA ILE A 8 -1.67 0.49 1.79
C ILE A 8 -0.27 -0.04 2.22
N VAL A 9 0.25 0.66 3.22
CA VAL A 9 1.70 0.79 3.50
C VAL A 9 1.87 -0.10 4.77
N LEU A 10 1.95 -1.37 4.40
CA LEU A 10 1.71 -2.52 5.29
C LEU A 10 2.79 -2.82 6.39
N NH2 A 11 4.09 -2.81 6.12
HN1 NH2 A 11 4.73 -3.02 6.90
HN2 NH2 A 11 4.37 -2.60 5.15
C ACE A 1 7.14 -2.84 1.01
O ACE A 1 7.44 -1.80 0.41
CH3 ACE A 1 7.81 -3.17 2.33
H1 ACE A 1 8.54 -2.39 2.62
H2 ACE A 1 8.34 -4.13 2.27
H3 ACE A 1 7.06 -3.24 3.14
N THR A 2 6.24 -3.75 0.60
CA THR A 2 5.46 -3.63 -0.67
C THR A 2 4.08 -3.03 -0.29
N LYS A 3 3.74 -1.91 -0.93
CA LYS A 3 2.47 -1.16 -0.69
C LYS A 3 1.33 -1.74 -1.61
N SER A 4 0.10 -1.31 -1.27
CA SER A 4 -1.10 -1.50 -2.12
C SER A 4 -1.37 -0.24 -3.00
N ALA A 5 -2.13 -0.40 -4.12
CA ALA A 5 -2.63 0.74 -4.94
C ALA A 5 -3.76 1.50 -4.21
N GLY A 6 -3.58 2.81 -4.01
CA GLY A 6 -4.25 3.59 -2.95
C GLY A 6 -3.23 3.94 -1.85
N GLY A 7 -2.99 2.98 -0.93
CA GLY A 7 -1.77 2.95 -0.10
C GLY A 7 -1.95 2.39 1.31
N ILE A 8 -2.13 1.04 1.42
CA ILE A 8 -2.23 0.29 2.70
C ILE A 8 -0.75 -0.11 2.96
N VAL A 9 -0.15 0.73 3.80
CA VAL A 9 1.33 0.95 3.86
C VAL A 9 1.97 -0.02 4.87
N LEU A 10 2.01 -1.23 4.33
CA LEU A 10 2.30 -2.48 5.05
C LEU A 10 3.75 -2.70 5.56
N NH2 A 11 4.82 -2.46 4.80
HN1 NH2 A 11 5.74 -2.64 5.21
HN2 NH2 A 11 4.64 -2.12 3.85
C ACE A 1 7.14 -3.28 1.37
O ACE A 1 7.97 -2.37 1.32
CH3 ACE A 1 7.28 -4.40 2.39
H1 ACE A 1 8.18 -4.25 3.02
H2 ACE A 1 6.39 -4.45 3.05
H3 ACE A 1 7.38 -5.38 1.88
N THR A 2 6.07 -3.40 0.57
CA THR A 2 5.72 -2.42 -0.51
C THR A 2 4.18 -2.36 -0.58
N LYS A 3 3.65 -1.12 -0.58
CA LYS A 3 2.25 -0.80 -0.32
C LYS A 3 1.24 -1.23 -1.44
N SER A 4 -0.07 -1.13 -1.09
CA SER A 4 -1.21 -1.49 -1.96
C SER A 4 -1.49 -0.43 -3.09
N ALA A 5 -2.41 -0.76 -4.04
CA ALA A 5 -2.99 0.22 -4.98
C ALA A 5 -4.00 1.14 -4.23
N GLY A 6 -3.65 2.44 -4.12
CA GLY A 6 -4.07 3.30 -2.99
C GLY A 6 -2.88 3.52 -2.05
N GLY A 7 -2.66 2.56 -1.12
CA GLY A 7 -1.36 2.35 -0.46
C GLY A 7 -1.37 2.36 1.06
N ILE A 8 -1.94 1.28 1.67
CA ILE A 8 -2.14 1.16 3.16
C ILE A 8 -0.92 0.61 3.98
N VAL A 9 0.25 0.83 3.39
CA VAL A 9 1.64 0.79 3.95
C VAL A 9 1.89 -0.47 4.83
N LEU A 10 2.08 -1.53 4.04
CA LEU A 10 2.13 -2.93 4.47
C LEU A 10 3.35 -3.39 5.31
N NH2 A 11 4.60 -3.04 5.02
HN1 NH2 A 11 5.34 -3.41 5.63
HN2 NH2 A 11 4.73 -2.45 4.18
C ACE A 1 7.35 -0.71 -0.41
O ACE A 1 7.11 -0.02 -1.40
CH3 ACE A 1 8.43 -0.29 0.58
H1 ACE A 1 8.92 0.64 0.26
H2 ACE A 1 9.20 -1.07 0.68
H3 ACE A 1 7.99 -0.13 1.59
N THR A 2 6.72 -1.85 -0.08
CA THR A 2 5.61 -2.45 -0.91
C THR A 2 4.27 -1.96 -0.30
N LYS A 3 3.40 -1.46 -1.20
CA LYS A 3 2.14 -0.76 -0.88
C LYS A 3 0.94 -1.48 -1.59
N SER A 4 -0.30 -1.12 -1.19
CA SER A 4 -1.55 -1.46 -1.91
C SER A 4 -1.83 -0.46 -3.09
N ALA A 5 -2.80 -0.79 -4.00
CA ALA A 5 -3.32 0.16 -5.03
C ALA A 5 -4.18 1.26 -4.35
N GLY A 6 -3.48 2.37 -4.04
CA GLY A 6 -3.82 3.26 -2.90
C GLY A 6 -2.57 3.50 -2.04
N GLY A 7 -2.21 2.50 -1.19
CA GLY A 7 -0.89 2.38 -0.57
C GLY A 7 -0.89 2.16 0.94
N ILE A 8 -1.33 0.97 1.43
CA ILE A 8 -1.90 0.85 2.82
C ILE A 8 -0.83 0.36 3.84
N VAL A 9 0.27 1.13 3.84
CA VAL A 9 1.68 0.72 4.15
C VAL A 9 1.89 -0.52 5.07
N LEU A 10 1.72 -1.61 4.34
CA LEU A 10 1.87 -3.03 4.74
C LEU A 10 2.94 -3.47 5.78
N NH2 A 11 4.14 -2.88 5.85
HN1 NH2 A 11 4.32 -2.13 5.18
HN2 NH2 A 11 4.78 -3.24 6.57
C ACE A 1 7.03 -2.66 1.78
O ACE A 1 7.43 -2.95 2.91
CH3 ACE A 1 7.44 -1.26 1.25
H1 ACE A 1 8.01 -1.36 0.30
H2 ACE A 1 8.09 -0.73 1.97
H3 ACE A 1 6.55 -0.64 1.05
N THR A 2 6.26 -3.60 1.17
CA THR A 2 5.63 -3.54 -0.19
C THR A 2 4.20 -2.98 0.03
N LYS A 3 3.91 -1.87 -0.67
CA LYS A 3 2.61 -1.16 -0.60
C LYS A 3 1.66 -1.72 -1.71
N SER A 4 0.35 -1.43 -1.54
CA SER A 4 -0.74 -1.82 -2.46
C SER A 4 -1.63 -0.58 -2.79
N ALA A 5 -2.35 -0.62 -3.95
CA ALA A 5 -3.06 0.53 -4.59
C ALA A 5 -3.96 1.38 -3.63
N GLY A 6 -3.92 2.72 -3.80
CA GLY A 6 -4.36 3.67 -2.76
C GLY A 6 -3.40 3.98 -1.57
N GLY A 7 -2.19 3.39 -1.53
CA GLY A 7 -1.18 3.59 -0.47
C GLY A 7 -1.43 2.81 0.83
N ILE A 8 -1.28 1.49 0.72
CA ILE A 8 -1.79 0.50 1.69
C ILE A 8 -0.46 -0.01 2.33
N VAL A 9 -0.08 0.72 3.38
CA VAL A 9 1.34 0.83 3.85
C VAL A 9 1.59 -0.23 4.93
N LEU A 10 1.72 -1.42 4.37
CA LEU A 10 1.66 -2.72 5.06
C LEU A 10 2.93 -3.04 5.88
N NH2 A 11 2.77 -3.67 7.03
HN1 NH2 A 11 3.63 -3.88 7.55
HN2 NH2 A 11 1.81 -3.89 7.31
C ACE A 1 6.99 -2.89 1.25
O ACE A 1 7.40 -1.89 0.67
CH3 ACE A 1 7.52 -3.24 2.64
H1 ACE A 1 8.00 -4.24 2.64
H2 ACE A 1 8.27 -2.50 2.98
H3 ACE A 1 6.70 -3.26 3.38
N THR A 2 6.09 -3.76 0.78
CA THR A 2 5.43 -3.62 -0.55
C THR A 2 4.05 -2.94 -0.30
N LYS A 3 3.83 -1.80 -0.99
CA LYS A 3 2.60 -0.98 -0.86
C LYS A 3 1.43 -1.57 -1.74
N SER A 4 0.23 -1.02 -1.52
CA SER A 4 -0.99 -1.29 -2.33
C SER A 4 -1.30 -0.09 -3.29
N ALA A 5 -2.20 -0.31 -4.29
CA ALA A 5 -2.84 0.76 -5.09
C ALA A 5 -3.94 1.46 -4.23
N GLY A 6 -3.75 2.77 -3.97
CA GLY A 6 -4.23 3.40 -2.71
C GLY A 6 -3.07 3.49 -1.72
N GLY A 7 -2.79 2.39 -0.99
CA GLY A 7 -1.50 2.13 -0.35
C GLY A 7 -1.54 2.04 1.17
N ILE A 8 -2.02 0.88 1.70
CA ILE A 8 -2.35 0.70 3.14
C ILE A 8 -1.07 0.26 3.93
N VAL A 9 -0.13 1.22 3.96
CA VAL A 9 1.36 1.07 3.96
C VAL A 9 1.84 -0.07 4.91
N LEU A 10 1.88 -1.21 4.21
CA LEU A 10 1.99 -2.57 4.75
C LEU A 10 3.35 -2.88 5.43
N NH2 A 11 3.34 -3.65 6.51
HN1 NH2 A 11 2.42 -3.98 6.83
HN2 NH2 A 11 4.24 -3.84 6.94
C ACE A 1 7.51 -1.57 0.35
O ACE A 1 7.71 -0.39 0.64
CH3 ACE A 1 8.57 -2.62 0.64
H1 ACE A 1 8.91 -3.11 -0.28
H2 ACE A 1 8.17 -3.40 1.32
H3 ACE A 1 9.45 -2.16 1.14
N THR A 2 6.40 -2.05 -0.24
CA THR A 2 5.22 -1.21 -0.62
C THR A 2 4.00 -2.17 -0.67
N LYS A 3 2.86 -1.75 -0.05
CA LYS A 3 1.55 -2.44 -0.19
C LYS A 3 0.95 -2.17 -1.64
N SER A 4 -0.34 -2.48 -1.84
CA SER A 4 -1.37 -1.57 -2.46
C SER A 4 -1.01 -0.69 -3.71
N ALA A 5 -2.00 -0.50 -4.62
CA ALA A 5 -2.24 0.80 -5.26
C ALA A 5 -3.23 1.63 -4.37
N GLY A 6 -2.64 2.40 -3.42
CA GLY A 6 -3.39 3.26 -2.47
C GLY A 6 -3.80 2.55 -1.17
N GLY A 7 -2.85 2.45 -0.23
CA GLY A 7 -3.00 1.75 1.06
C GLY A 7 -2.33 2.53 2.20
N ILE A 8 -0.99 2.75 2.38
CA ILE A 8 0.14 2.03 1.82
C ILE A 8 1.15 1.63 2.95
N VAL A 9 1.89 0.63 2.49
CA VAL A 9 2.86 -0.27 3.20
C VAL A 9 2.45 -0.77 4.63
N LEU A 10 1.41 -1.61 4.53
CA LEU A 10 0.52 -1.94 5.63
C LEU A 10 0.94 -3.19 6.41
N NH2 A 11 1.33 -3.01 7.66
HN1 NH2 A 11 1.61 -3.86 8.17
HN2 NH2 A 11 1.32 -2.06 8.01
C ACE A 1 7.36 -1.36 -0.05
O ACE A 1 7.25 -0.47 -0.90
CH3 ACE A 1 8.40 -1.24 1.05
H1 ACE A 1 7.92 -1.26 2.05
H2 ACE A 1 9.11 -2.08 1.01
H3 ACE A 1 8.97 -0.30 0.95
N THR A 2 6.61 -2.48 0.01
CA THR A 2 5.53 -2.81 -0.97
C THR A 2 4.19 -2.34 -0.35
N LYS A 3 3.43 -1.56 -1.14
CA LYS A 3 2.19 -0.87 -0.74
C LYS A 3 0.99 -1.44 -1.58
N SER A 4 -0.24 -1.08 -1.19
CA SER A 4 -1.48 -1.39 -1.97
C SER A 4 -1.73 -0.36 -3.11
N ALA A 5 -2.64 -0.67 -4.08
CA ALA A 5 -3.12 0.29 -5.11
C ALA A 5 -4.06 1.34 -4.44
N GLY A 6 -3.43 2.48 -4.08
CA GLY A 6 -3.84 3.30 -2.92
C GLY A 6 -2.64 3.53 -1.98
N GLY A 7 -2.29 2.51 -1.17
CA GLY A 7 -0.99 2.40 -0.49
C GLY A 7 -1.11 2.20 1.02
N ILE A 8 -1.43 0.96 1.48
CA ILE A 8 -2.02 0.77 2.85
C ILE A 8 -0.94 0.26 3.87
N VAL A 9 0.14 1.02 3.93
CA VAL A 9 1.54 0.61 4.22
C VAL A 9 1.74 -0.60 5.19
N LEU A 10 1.58 -1.72 4.50
CA LEU A 10 1.83 -3.11 4.90
C LEU A 10 3.08 -3.40 5.77
N NH2 A 11 3.04 -4.46 6.57
HN1 NH2 A 11 3.87 -4.64 7.14
HN2 NH2 A 11 2.18 -5.02 6.55
C ACE A 1 6.41 -4.11 1.42
O ACE A 1 5.38 -4.76 1.65
CH3 ACE A 1 7.52 -4.05 2.46
H1 ACE A 1 8.46 -4.48 2.05
H2 ACE A 1 7.25 -4.62 3.36
H3 ACE A 1 7.72 -3.01 2.76
N THR A 2 6.64 -3.40 0.30
CA THR A 2 5.73 -3.28 -0.91
C THR A 2 4.38 -2.62 -0.51
N LYS A 3 4.00 -1.54 -1.23
CA LYS A 3 2.75 -0.77 -1.00
C LYS A 3 1.57 -1.39 -1.80
N SER A 4 0.36 -0.90 -1.50
CA SER A 4 -0.92 -1.30 -2.17
C SER A 4 -1.40 -0.21 -3.19
N ALA A 5 -2.40 -0.55 -4.05
CA ALA A 5 -3.10 0.41 -4.93
C ALA A 5 -4.12 1.24 -4.07
N GLY A 6 -3.88 2.56 -3.98
CA GLY A 6 -4.24 3.36 -2.80
C GLY A 6 -3.02 3.48 -1.87
N GLY A 7 -2.76 2.44 -1.06
CA GLY A 7 -1.46 2.19 -0.42
C GLY A 7 -1.46 2.16 1.11
N ILE A 8 -1.98 1.06 1.71
CA ILE A 8 -2.29 1.01 3.17
C ILE A 8 -1.05 0.58 4.03
N VAL A 9 0.03 1.35 3.84
CA VAL A 9 1.47 0.97 3.91
C VAL A 9 1.86 -0.22 4.84
N LEU A 10 1.56 -1.35 4.20
CA LEU A 10 1.80 -2.74 4.61
C LEU A 10 3.03 -3.15 5.49
N NH2 A 11 4.20 -2.54 5.37
HN1 NH2 A 11 4.26 -1.79 4.66
HN2 NH2 A 11 4.95 -2.86 5.99
C ACE A 1 5.88 -4.05 2.16
O ACE A 1 6.04 -5.05 2.84
CH3 ACE A 1 5.72 -2.71 2.95
H1 ACE A 1 6.53 -2.01 2.69
H2 ACE A 1 4.75 -2.23 2.72
H3 ACE A 1 5.76 -2.90 4.04
N THR A 2 5.87 -4.23 0.82
CA THR A 2 5.69 -3.19 -0.26
C THR A 2 4.17 -3.09 -0.55
N LYS A 3 3.68 -1.84 -0.55
CA LYS A 3 2.25 -1.50 -0.50
C LYS A 3 1.45 -1.81 -1.81
N SER A 4 0.11 -1.80 -1.65
CA SER A 4 -0.87 -1.94 -2.76
C SER A 4 -1.58 -0.58 -3.02
N ALA A 5 -2.14 -0.38 -4.25
CA ALA A 5 -2.69 0.91 -4.75
C ALA A 5 -3.70 1.63 -3.80
N GLY A 6 -3.58 2.97 -3.69
CA GLY A 6 -4.15 3.76 -2.57
C GLY A 6 -3.31 3.95 -1.28
N GLY A 7 -2.07 3.43 -1.20
CA GLY A 7 -1.20 3.49 -0.02
C GLY A 7 -1.49 2.49 1.11
N ILE A 8 -1.61 1.19 0.75
CA ILE A 8 -1.96 0.07 1.67
C ILE A 8 -0.61 -0.44 2.25
N VAL A 9 -0.18 0.33 3.25
CA VAL A 9 1.26 0.50 3.63
C VAL A 9 1.53 0.01 5.08
N LEU A 10 1.14 -1.26 5.23
CA LEU A 10 1.93 -2.38 5.79
C LEU A 10 3.35 -2.15 6.36
N NH2 A 11 3.78 -2.95 7.33
HN1 NH2 A 11 3.12 -3.68 7.64
HN2 NH2 A 11 4.72 -2.78 7.69
C ACE A 1 7.27 -0.85 0.15
O ACE A 1 8.08 -0.78 1.07
CH3 ACE A 1 7.12 0.42 -0.72
H1 ACE A 1 6.10 0.85 -0.64
H2 ACE A 1 7.30 0.20 -1.78
H3 ACE A 1 7.84 1.20 -0.40
N THR A 2 6.62 -2.04 0.03
CA THR A 2 5.58 -2.42 -0.98
C THR A 2 4.20 -2.07 -0.38
N LYS A 3 3.41 -1.33 -1.17
CA LYS A 3 2.14 -0.71 -0.79
C LYS A 3 0.96 -1.36 -1.59
N SER A 4 -0.30 -1.09 -1.14
CA SER A 4 -1.54 -1.45 -1.89
C SER A 4 -1.83 -0.45 -3.05
N ALA A 5 -2.77 -0.79 -3.98
CA ALA A 5 -3.30 0.14 -5.02
C ALA A 5 -4.16 1.26 -4.36
N GLY A 6 -3.46 2.37 -4.04
CA GLY A 6 -3.80 3.28 -2.93
C GLY A 6 -2.57 3.52 -2.04
N GLY A 7 -2.25 2.55 -1.16
CA GLY A 7 -0.93 2.42 -0.52
C GLY A 7 -0.98 2.15 1.00
N ILE A 8 -1.36 0.92 1.39
CA ILE A 8 -1.88 0.66 2.79
C ILE A 8 -0.73 0.15 3.71
N VAL A 9 0.27 1.04 3.84
CA VAL A 9 1.71 0.79 4.12
C VAL A 9 2.03 -0.43 5.04
N LEU A 10 2.02 -1.54 4.30
CA LEU A 10 1.84 -2.90 4.83
C LEU A 10 2.90 -3.45 5.84
N NH2 A 11 4.21 -3.29 5.66
HN1 NH2 A 11 4.49 -2.76 4.83
HN2 NH2 A 11 4.82 -3.68 6.37
C ACE A 1 6.59 -3.23 1.67
O ACE A 1 7.02 -2.09 1.46
CH3 ACE A 1 6.89 -3.95 2.97
H1 ACE A 1 7.48 -3.29 3.64
H2 ACE A 1 5.96 -4.24 3.49
H3 ACE A 1 7.48 -4.86 2.79
N THR A 2 5.84 -3.96 0.80
CA THR A 2 5.44 -3.47 -0.56
C THR A 2 4.02 -2.86 -0.43
N LYS A 3 3.86 -1.62 -0.93
CA LYS A 3 2.60 -0.84 -0.86
C LYS A 3 1.55 -1.33 -1.91
N SER A 4 0.32 -0.97 -1.55
CA SER A 4 -0.91 -1.24 -2.34
C SER A 4 -1.28 -0.07 -3.30
N ALA A 5 -2.20 -0.32 -4.27
CA ALA A 5 -2.88 0.73 -5.07
C ALA A 5 -4.00 1.37 -4.20
N GLY A 6 -3.86 2.69 -3.94
CA GLY A 6 -4.34 3.30 -2.69
C GLY A 6 -3.17 3.44 -1.71
N GLY A 7 -2.84 2.34 -0.99
CA GLY A 7 -1.52 2.13 -0.38
C GLY A 7 -1.53 2.02 1.13
N ILE A 8 -1.96 0.86 1.68
CA ILE A 8 -2.26 0.69 3.14
C ILE A 8 -0.94 0.31 3.92
N VAL A 9 -0.02 1.27 3.89
CA VAL A 9 1.46 1.10 3.85
C VAL A 9 2.03 -0.01 4.77
N LEU A 10 2.00 -1.16 4.13
CA LEU A 10 2.14 -2.51 4.74
C LEU A 10 3.46 -2.84 5.51
N NH2 A 11 4.65 -2.46 5.06
HN1 NH2 A 11 5.46 -2.72 5.64
HN2 NH2 A 11 4.67 -1.93 4.18
C ACE A 1 5.51 -4.30 2.61
O ACE A 1 5.46 -5.24 3.40
CH3 ACE A 1 5.63 -2.89 3.25
H1 ACE A 1 6.53 -2.37 2.88
H2 ACE A 1 5.70 -2.96 4.35
H3 ACE A 1 4.75 -2.27 2.99
N THR A 2 5.47 -4.64 1.28
CA THR A 2 5.51 -3.71 0.11
C THR A 2 4.04 -3.39 -0.27
N LYS A 3 3.76 -2.08 -0.44
CA LYS A 3 2.42 -1.51 -0.50
C LYS A 3 1.61 -1.85 -1.81
N SER A 4 0.30 -1.57 -1.75
CA SER A 4 -0.67 -1.76 -2.86
C SER A 4 -1.43 -0.42 -3.12
N ALA A 5 -2.01 -0.25 -4.35
CA ALA A 5 -2.60 1.03 -4.85
C ALA A 5 -3.64 1.69 -3.90
N GLY A 6 -3.51 3.03 -3.73
CA GLY A 6 -4.22 3.79 -2.66
C GLY A 6 -3.62 3.79 -1.23
N GLY A 7 -2.29 3.65 -1.06
CA GLY A 7 -1.57 3.75 0.21
C GLY A 7 -1.79 2.67 1.27
N ILE A 8 -1.50 1.42 0.86
CA ILE A 8 -1.89 0.20 1.62
C ILE A 8 -0.56 -0.31 2.21
N VAL A 9 -0.14 0.37 3.28
CA VAL A 9 1.29 0.63 3.59
C VAL A 9 1.72 0.03 4.97
N LEU A 10 1.39 -1.25 5.06
CA LEU A 10 2.21 -2.38 5.51
C LEU A 10 3.67 -2.15 6.01
N NH2 A 11 4.17 -2.99 6.91
HN1 NH2 A 11 5.12 -2.80 7.22
HN2 NH2 A 11 3.55 -3.75 7.21
C ACE A 1 6.79 -2.91 1.38
O ACE A 1 7.26 -3.25 2.47
CH3 ACE A 1 7.28 -1.54 0.85
H1 ACE A 1 6.43 -0.84 0.71
H2 ACE A 1 7.99 -1.06 1.56
H3 ACE A 1 7.79 -1.65 -0.12
N THR A 2 5.93 -3.79 0.81
CA THR A 2 5.22 -3.63 -0.50
C THR A 2 3.84 -2.98 -0.19
N LYS A 3 3.58 -1.82 -0.83
CA LYS A 3 2.35 -1.02 -0.65
C LYS A 3 1.20 -1.56 -1.57
N SER A 4 -0.03 -1.06 -1.33
CA SER A 4 -1.20 -1.29 -2.23
C SER A 4 -1.26 -0.15 -3.31
N ALA A 5 -2.14 -0.29 -4.33
CA ALA A 5 -2.48 0.81 -5.26
C ALA A 5 -3.41 1.88 -4.58
N GLY A 6 -2.76 2.74 -3.76
CA GLY A 6 -3.43 3.71 -2.87
C GLY A 6 -3.94 3.05 -1.55
N GLY A 7 -3.23 2.48 -0.53
CA GLY A 7 -1.78 2.24 -0.46
C GLY A 7 -1.33 2.03 1.00
N ILE A 8 -1.49 0.80 1.54
CA ILE A 8 -1.96 0.64 2.96
C ILE A 8 -0.77 0.40 3.94
N VAL A 9 0.17 1.34 3.87
CA VAL A 9 1.65 1.13 3.96
C VAL A 9 2.14 -0.03 4.89
N LEU A 10 2.05 -1.18 4.23
CA LEU A 10 1.98 -2.52 4.86
C LEU A 10 3.31 -2.99 5.50
N NH2 A 11 3.24 -3.64 6.65
HN1 NH2 A 11 4.13 -3.95 7.05
HN2 NH2 A 11 2.30 -3.80 7.04
C ACE A 1 6.44 -2.92 2.09
O ACE A 1 6.61 -1.70 2.05
CH3 ACE A 1 6.74 -3.70 3.36
H1 ACE A 1 7.53 -4.46 3.18
H2 ACE A 1 7.08 -3.03 4.16
H3 ACE A 1 5.84 -4.23 3.71
N THR A 2 6.03 -3.68 1.06
CA THR A 2 5.70 -3.14 -0.30
C THR A 2 4.17 -2.92 -0.34
N LYS A 3 3.76 -1.70 -0.78
CA LYS A 3 2.36 -1.23 -0.81
C LYS A 3 1.45 -1.97 -1.84
N SER A 4 0.15 -1.86 -1.53
CA SER A 4 -0.94 -2.09 -2.52
C SER A 4 -1.63 -0.73 -2.87
N ALA A 5 -2.26 -0.63 -4.07
CA ALA A 5 -2.69 0.65 -4.70
C ALA A 5 -3.59 1.56 -3.81
N GLY A 6 -3.24 2.86 -3.77
CA GLY A 6 -3.86 3.85 -2.86
C GLY A 6 -3.41 3.86 -1.37
N GLY A 7 -2.10 3.75 -1.08
CA GLY A 7 -1.51 3.87 0.25
C GLY A 7 -1.83 2.81 1.29
N ILE A 8 -1.48 1.55 0.95
CA ILE A 8 -1.77 0.37 1.79
C ILE A 8 -0.36 -0.06 2.25
N VAL A 9 0.12 0.69 3.24
CA VAL A 9 1.58 0.94 3.45
C VAL A 9 1.91 -0.02 4.64
N LEU A 10 2.05 -1.26 4.19
CA LEU A 10 2.00 -2.48 5.03
C LEU A 10 3.20 -2.72 6.00
N NH2 A 11 4.47 -2.56 5.62
HN1 NH2 A 11 5.19 -2.74 6.33
HN2 NH2 A 11 4.63 -2.27 4.65
C ACE A 1 6.20 -5.19 1.99
O ACE A 1 6.89 -4.34 2.58
CH3 ACE A 1 6.07 -6.59 2.55
H1 ACE A 1 5.03 -6.83 2.80
H2 ACE A 1 6.67 -6.70 3.48
H3 ACE A 1 6.43 -7.34 1.83
N THR A 2 5.51 -4.97 0.85
CA THR A 2 5.49 -3.68 0.12
C THR A 2 3.99 -3.37 -0.25
N LYS A 3 3.72 -2.07 -0.45
CA LYS A 3 2.37 -1.47 -0.55
C LYS A 3 1.59 -1.87 -1.85
N SER A 4 0.26 -1.72 -1.69
CA SER A 4 -0.73 -1.86 -2.79
C SER A 4 -1.50 -0.52 -3.01
N ALA A 5 -2.03 -0.29 -4.24
CA ALA A 5 -2.50 1.03 -4.74
C ALA A 5 -3.47 1.81 -3.82
N GLY A 6 -3.27 3.13 -3.72
CA GLY A 6 -3.90 3.99 -2.68
C GLY A 6 -3.37 3.93 -1.22
N GLY A 7 -2.08 3.53 -1.00
CA GLY A 7 -1.44 3.44 0.32
C GLY A 7 -1.95 2.38 1.30
N ILE A 8 -1.73 1.13 0.88
CA ILE A 8 -2.07 -0.10 1.64
C ILE A 8 -0.71 -0.52 2.28
N VAL A 9 -0.36 0.28 3.29
CA VAL A 9 1.05 0.71 3.52
C VAL A 9 1.59 0.23 4.90
N LEU A 10 1.40 -1.07 5.05
CA LEU A 10 2.37 -2.08 5.52
C LEU A 10 3.81 -1.67 5.93
N NH2 A 11 4.26 -2.03 7.13
HN1 NH2 A 11 3.62 -2.56 7.72
HN2 NH2 A 11 5.22 -1.73 7.35
C ACE A 1 6.07 -3.82 2.29
O ACE A 1 6.20 -2.64 2.60
CH3 ACE A 1 6.16 -4.90 3.36
H1 ACE A 1 6.97 -5.61 3.14
H2 ACE A 1 6.34 -4.46 4.36
H3 ACE A 1 5.21 -5.48 3.41
N THR A 2 5.86 -4.29 1.05
CA THR A 2 5.74 -3.42 -0.16
C THR A 2 4.22 -3.16 -0.40
N LYS A 3 3.89 -1.87 -0.59
CA LYS A 3 2.52 -1.34 -0.53
C LYS A 3 1.58 -1.77 -1.71
N SER A 4 0.28 -1.52 -1.52
CA SER A 4 -0.80 -1.76 -2.51
C SER A 4 -1.47 -0.42 -2.92
N ALA A 5 -2.03 -0.35 -4.15
CA ALA A 5 -2.60 0.89 -4.78
C ALA A 5 -3.73 1.56 -3.94
N GLY A 6 -3.69 2.90 -3.86
CA GLY A 6 -4.43 3.68 -2.84
C GLY A 6 -3.45 4.13 -1.75
N GLY A 7 -3.20 3.25 -0.76
CA GLY A 7 -1.98 3.28 0.05
C GLY A 7 -2.01 2.46 1.35
N ILE A 8 -2.09 1.12 1.22
CA ILE A 8 -2.12 0.16 2.35
C ILE A 8 -0.62 -0.20 2.59
N VAL A 9 -0.06 0.65 3.45
CA VAL A 9 1.40 0.92 3.54
C VAL A 9 1.99 0.05 4.67
N LEU A 10 2.09 -1.19 4.26
CA LEU A 10 2.27 -2.37 5.12
C LEU A 10 3.62 -2.52 5.89
N NH2 A 11 4.80 -2.29 5.31
HN1 NH2 A 11 5.62 -2.40 5.90
HN2 NH2 A 11 4.77 -2.01 4.32
C ACE A 1 5.93 -3.36 2.40
O ACE A 1 5.93 -2.16 2.73
CH3 ACE A 1 6.15 -4.43 3.46
H1 ACE A 1 6.32 -3.97 4.45
H2 ACE A 1 7.05 -5.04 3.21
H3 ACE A 1 5.29 -5.10 3.52
N THR A 2 5.74 -3.83 1.16
CA THR A 2 5.49 -2.95 -0.03
C THR A 2 3.96 -2.87 -0.23
N LYS A 3 3.47 -1.62 -0.41
CA LYS A 3 2.06 -1.25 -0.31
C LYS A 3 1.14 -1.77 -1.47
N SER A 4 -0.19 -1.70 -1.25
CA SER A 4 -1.19 -1.89 -2.33
C SER A 4 -1.64 -0.49 -2.86
N ALA A 5 -2.05 -0.40 -4.15
CA ALA A 5 -2.43 0.86 -4.84
C ALA A 5 -3.56 1.65 -4.12
N GLY A 6 -3.32 2.96 -3.91
CA GLY A 6 -4.03 3.77 -2.91
C GLY A 6 -3.04 4.07 -1.78
N GLY A 7 -3.05 3.23 -0.72
CA GLY A 7 -2.20 3.41 0.45
C GLY A 7 -1.70 2.06 0.96
N ILE A 8 -2.45 1.43 1.89
CA ILE A 8 -2.26 0.08 2.50
C ILE A 8 -0.76 -0.29 2.76
N VAL A 9 -0.23 0.43 3.76
CA VAL A 9 1.19 0.83 3.85
C VAL A 9 1.89 -0.02 4.95
N LEU A 10 2.08 -1.24 4.49
CA LEU A 10 2.33 -2.43 5.31
C LEU A 10 3.78 -2.54 5.83
N NH2 A 11 3.97 -3.02 7.04
HN1 NH2 A 11 3.13 -3.30 7.56
HN2 NH2 A 11 4.94 -3.09 7.36
#